data_3R1V
#
_entry.id   3R1V
#
_cell.length_a   48.760
_cell.length_b   41.970
_cell.length_c   57.940
_cell.angle_alpha   90.00
_cell.angle_beta   105.97
_cell.angle_gamma   90.00
#
_symmetry.space_group_name_H-M   'P 1 21 1'
#
loop_
_entity.id
_entity.type
_entity.pdbx_description
1 polymer 'Odorant binding protein, antennal'
2 non-polymer 4-{(E)-[4-(propan-2-yl)phenyl]diazenyl}phenol
3 water water
#
_entity_poly.entity_id   1
_entity_poly.type   'polypeptide(L)'
_entity_poly.pdbx_seq_one_letter_code
;MAPFEIPDRYKKPAKMLHEICIAESGASEEQLRTCLDGTVPTAPAAKCYIHCLFDKIDVVDEATGRILLDRLLYIIPDDV
KAAVDHLTRECSHIVTPDKCETAYETVKCYFNAHDEVIKFCHLLVLE
;
_entity_poly.pdbx_strand_id   A,B
#
# COMPACT_ATOMS: atom_id res chain seq x y z
N PHE A 4 9.24 27.57 7.66
CA PHE A 4 8.78 28.40 6.55
C PHE A 4 9.26 27.85 5.21
N GLU A 5 10.53 27.53 5.08
CA GLU A 5 11.05 26.92 3.86
C GLU A 5 11.93 25.79 4.30
N ILE A 6 11.71 24.61 3.73
CA ILE A 6 12.47 23.40 4.08
C ILE A 6 13.81 23.49 3.36
N PRO A 7 14.94 23.38 4.11
CA PRO A 7 16.27 23.44 3.46
C PRO A 7 16.35 22.60 2.19
N ASP A 8 16.94 23.15 1.11
CA ASP A 8 17.07 22.49 -0.18
C ASP A 8 17.71 21.09 -0.13
N ARG A 9 18.52 20.81 0.91
CA ARG A 9 19.20 19.53 1.12
C ARG A 9 18.27 18.33 1.42
N TYR A 10 17.01 18.60 1.83
CA TYR A 10 16.03 17.54 2.12
C TYR A 10 15.25 17.12 0.89
N LYS A 11 15.34 17.92 -0.17
CA LYS A 11 14.65 17.69 -1.43
C LYS A 11 15.03 16.37 -2.08
N LYS A 12 16.34 16.17 -2.34
CA LYS A 12 16.89 14.96 -2.97
C LYS A 12 16.43 13.68 -2.24
N PRO A 13 16.63 13.51 -0.90
CA PRO A 13 16.15 12.28 -0.25
C PRO A 13 14.63 12.11 -0.26
N ALA A 14 13.87 13.23 -0.17
CA ALA A 14 12.40 13.22 -0.20
C ALA A 14 11.89 12.77 -1.57
N LYS A 15 12.55 13.21 -2.66
CA LYS A 15 12.23 12.82 -4.04
C LYS A 15 12.44 11.30 -4.19
N MET A 16 13.55 10.79 -3.62
CA MET A 16 13.91 9.37 -3.61
C MET A 16 12.89 8.56 -2.81
N LEU A 17 12.47 9.09 -1.64
CA LEU A 17 11.47 8.50 -0.75
C LEU A 17 10.13 8.38 -1.46
N HIS A 18 9.73 9.45 -2.16
CA HIS A 18 8.50 9.60 -2.94
C HIS A 18 8.40 8.56 -4.07
N GLU A 19 9.50 8.37 -4.83
CA GLU A 19 9.59 7.41 -5.93
C GLU A 19 9.53 5.95 -5.47
N ILE A 20 10.20 5.63 -4.35
CA ILE A 20 10.20 4.28 -3.75
C ILE A 20 8.79 3.96 -3.24
N CYS A 21 8.15 4.94 -2.56
CA CYS A 21 6.81 4.79 -2.00
C CYS A 21 5.66 4.78 -3.00
N ILE A 22 5.85 5.39 -4.18
CA ILE A 22 4.85 5.35 -5.26
C ILE A 22 4.85 3.92 -5.83
N ALA A 23 6.06 3.37 -6.05
CA ALA A 23 6.28 2.02 -6.58
C ALA A 23 5.76 0.94 -5.63
N GLU A 24 5.94 1.13 -4.31
CA GLU A 24 5.53 0.17 -3.28
C GLU A 24 4.03 0.16 -3.00
N SER A 25 3.41 1.36 -2.86
CA SER A 25 1.98 1.49 -2.57
C SER A 25 1.09 1.32 -3.80
N GLY A 26 1.56 1.80 -4.94
CA GLY A 26 0.83 1.78 -6.19
C GLY A 26 0.03 3.06 -6.41
N ALA A 27 0.32 4.08 -5.58
CA ALA A 27 -0.35 5.38 -5.65
C ALA A 27 0.16 6.19 -6.84
N SER A 28 -0.77 6.86 -7.54
CA SER A 28 -0.41 7.72 -8.67
C SER A 28 -0.21 9.14 -8.14
N GLU A 29 0.58 9.96 -8.86
CA GLU A 29 0.85 11.36 -8.51
C GLU A 29 -0.45 12.17 -8.48
N GLU A 30 -1.37 11.84 -9.42
CA GLU A 30 -2.70 12.41 -9.60
C GLU A 30 -3.52 12.29 -8.31
N GLN A 31 -3.39 11.14 -7.61
CA GLN A 31 -4.07 10.84 -6.34
C GLN A 31 -3.49 11.66 -5.19
N LEU A 32 -2.16 11.79 -5.14
CA LEU A 32 -1.45 12.52 -4.07
C LEU A 32 -1.63 14.03 -4.12
N ARG A 33 -1.70 14.60 -5.35
CA ARG A 33 -1.83 16.06 -5.59
C ARG A 33 -2.94 16.79 -4.81
N THR A 34 -3.93 16.05 -4.25
CA THR A 34 -5.03 16.63 -3.46
C THR A 34 -4.52 17.38 -2.20
N CYS A 35 -3.31 17.04 -1.71
CA CYS A 35 -2.69 17.67 -0.55
C CYS A 35 -2.26 19.13 -0.80
N LEU A 36 -2.16 19.52 -2.09
CA LEU A 36 -1.81 20.89 -2.51
C LEU A 36 -2.95 21.86 -2.15
N ASP A 37 -4.18 21.33 -2.00
CA ASP A 37 -5.38 22.06 -1.59
C ASP A 37 -5.57 21.97 -0.05
N GLY A 38 -4.61 21.34 0.62
CA GLY A 38 -4.61 21.17 2.08
C GLY A 38 -5.43 20.00 2.59
N THR A 39 -5.84 19.09 1.68
CA THR A 39 -6.65 17.92 2.02
C THR A 39 -5.85 16.64 1.85
N VAL A 40 -5.77 15.81 2.91
CA VAL A 40 -5.03 14.54 2.91
C VAL A 40 -5.73 13.55 1.94
N PRO A 41 -4.99 12.95 0.96
CA PRO A 41 -5.65 12.02 0.03
C PRO A 41 -6.29 10.80 0.71
N THR A 42 -7.52 10.46 0.30
CA THR A 42 -8.35 9.40 0.88
C THR A 42 -8.30 8.05 0.15
N ALA A 43 -7.67 8.00 -1.03
CA ALA A 43 -7.56 6.76 -1.83
C ALA A 43 -6.72 5.70 -1.10
N PRO A 44 -7.12 4.40 -1.12
CA PRO A 44 -6.36 3.36 -0.38
C PRO A 44 -4.85 3.30 -0.66
N ALA A 45 -4.46 3.47 -1.95
CA ALA A 45 -3.04 3.47 -2.35
C ALA A 45 -2.32 4.71 -1.84
N ALA A 46 -3.04 5.85 -1.77
CA ALA A 46 -2.53 7.13 -1.26
C ALA A 46 -2.32 7.05 0.24
N LYS A 47 -3.19 6.32 0.96
CA LYS A 47 -3.10 6.10 2.41
C LYS A 47 -1.90 5.20 2.72
N CYS A 48 -1.65 4.19 1.86
CA CYS A 48 -0.51 3.27 2.00
C CYS A 48 0.81 3.90 1.60
N TYR A 49 0.77 4.95 0.75
CA TYR A 49 1.93 5.74 0.34
C TYR A 49 2.44 6.49 1.57
N ILE A 50 1.51 7.07 2.36
CA ILE A 50 1.79 7.81 3.60
C ILE A 50 2.47 6.89 4.61
N HIS A 51 1.95 5.65 4.77
CA HIS A 51 2.52 4.64 5.67
C HIS A 51 3.95 4.30 5.27
N CYS A 52 4.19 4.13 3.95
CA CYS A 52 5.50 3.81 3.37
C CYS A 52 6.52 4.89 3.73
N LEU A 53 6.15 6.19 3.58
CA LEU A 53 7.02 7.33 3.90
C LEU A 53 7.55 7.24 5.32
N PHE A 54 6.64 7.03 6.29
CA PHE A 54 6.96 6.91 7.70
C PHE A 54 7.75 5.64 8.01
N ASP A 55 7.47 4.54 7.28
CA ASP A 55 8.15 3.26 7.42
C ASP A 55 9.60 3.37 6.94
N LYS A 56 9.84 4.09 5.82
CA LYS A 56 11.17 4.29 5.25
C LYS A 56 12.07 5.17 6.11
N ILE A 57 11.48 6.11 6.87
CA ILE A 57 12.22 6.98 7.78
C ILE A 57 12.28 6.40 9.21
N ASP A 58 11.75 5.16 9.38
CA ASP A 58 11.72 4.36 10.60
C ASP A 58 11.03 5.03 11.80
N VAL A 59 9.89 5.69 11.56
CA VAL A 59 9.10 6.36 12.60
C VAL A 59 7.79 5.64 12.94
N VAL A 60 7.59 4.45 12.35
CA VAL A 60 6.40 3.63 12.57
C VAL A 60 6.71 2.65 13.70
N ASP A 61 5.84 2.61 14.73
CA ASP A 61 5.95 1.65 15.83
C ASP A 61 5.66 0.32 15.12
N GLU A 62 6.73 -0.39 14.75
CA GLU A 62 6.75 -1.65 13.99
C GLU A 62 5.62 -2.66 14.36
N ALA A 63 5.09 -2.56 15.59
CA ALA A 63 4.05 -3.45 16.10
C ALA A 63 2.60 -2.92 16.07
N THR A 64 2.38 -1.63 16.39
CA THR A 64 1.02 -1.05 16.42
C THR A 64 0.67 -0.27 15.16
N GLY A 65 1.66 0.42 14.59
CA GLY A 65 1.51 1.26 13.41
C GLY A 65 1.57 2.73 13.77
N ARG A 66 1.69 3.01 15.08
CA ARG A 66 1.76 4.35 15.69
C ARG A 66 2.94 5.15 15.15
N ILE A 67 2.67 6.41 14.79
CA ILE A 67 3.70 7.30 14.26
C ILE A 67 4.41 7.97 15.43
N LEU A 68 5.74 7.83 15.46
CA LEU A 68 6.59 8.40 16.49
C LEU A 68 7.45 9.48 15.85
N LEU A 69 6.86 10.67 15.64
CA LEU A 69 7.51 11.83 15.03
C LEU A 69 8.67 12.34 15.88
N ASP A 70 8.68 12.02 17.20
CA ASP A 70 9.73 12.33 18.17
C ASP A 70 11.07 11.69 17.78
N ARG A 71 11.02 10.49 17.14
CA ARG A 71 12.21 9.72 16.72
C ARG A 71 13.18 10.51 15.82
N LEU A 72 12.63 11.43 15.01
CA LEU A 72 13.41 12.28 14.08
C LEU A 72 14.34 13.24 14.80
N LEU A 73 14.03 13.59 16.07
CA LEU A 73 14.81 14.52 16.89
C LEU A 73 16.28 14.10 17.07
N TYR A 74 16.61 12.87 16.65
CA TYR A 74 17.92 12.23 16.70
C TYR A 74 18.68 12.30 15.37
N ILE A 75 17.95 12.36 14.24
CA ILE A 75 18.46 12.27 12.87
C ILE A 75 18.45 13.64 12.18
N ILE A 76 18.15 14.67 12.96
CA ILE A 76 17.96 15.98 12.43
C ILE A 76 18.93 17.03 13.01
N PRO A 77 19.44 17.95 12.17
CA PRO A 77 20.38 18.97 12.65
C PRO A 77 19.74 20.33 12.99
N ASP A 78 18.46 20.56 12.63
CA ASP A 78 17.82 21.86 12.85
C ASP A 78 16.66 21.98 13.85
N ASP A 79 16.29 23.26 14.12
CA ASP A 79 15.26 23.72 15.04
C ASP A 79 13.85 23.23 14.67
N VAL A 80 13.55 21.97 15.05
CA VAL A 80 12.27 21.32 14.76
C VAL A 80 11.53 20.89 16.04
N LYS A 81 12.20 20.98 17.21
CA LYS A 81 11.68 20.59 18.54
C LYS A 81 10.29 21.11 18.91
N ALA A 82 10.05 22.43 18.82
CA ALA A 82 8.75 23.05 19.14
C ALA A 82 7.64 22.61 18.18
N ALA A 83 7.98 22.50 16.88
CA ALA A 83 7.06 22.06 15.82
C ALA A 83 6.71 20.58 15.99
N VAL A 84 7.72 19.73 16.30
CA VAL A 84 7.57 18.29 16.52
C VAL A 84 6.80 18.02 17.82
N ASP A 85 7.23 18.62 18.96
CA ASP A 85 6.60 18.46 20.27
C ASP A 85 5.11 18.80 20.29
N HIS A 86 4.67 19.75 19.44
CA HIS A 86 3.26 20.12 19.33
C HIS A 86 2.48 19.06 18.55
N LEU A 87 3.04 18.56 17.42
CA LEU A 87 2.42 17.52 16.60
C LEU A 87 2.34 16.19 17.34
N THR A 88 3.35 15.89 18.18
CA THR A 88 3.38 14.67 19.00
C THR A 88 2.40 14.78 20.18
N ARG A 89 2.16 16.02 20.66
CA ARG A 89 1.23 16.31 21.77
C ARG A 89 -0.20 16.18 21.27
N GLU A 90 -0.49 16.72 20.08
CA GLU A 90 -1.81 16.74 19.46
C GLU A 90 -2.19 15.47 18.69
N CYS A 91 -1.18 14.73 18.14
CA CYS A 91 -1.45 13.60 17.24
C CYS A 91 -0.80 12.23 17.50
N SER A 92 0.05 12.06 18.53
CA SER A 92 0.71 10.75 18.69
C SER A 92 -0.07 9.62 19.41
N HIS A 93 -1.41 9.74 19.51
CA HIS A 93 -2.29 8.75 20.12
C HIS A 93 -3.00 7.87 19.09
N ILE A 94 -3.05 8.34 17.81
CA ILE A 94 -3.69 7.68 16.67
C ILE A 94 -3.20 6.25 16.46
N VAL A 95 -4.11 5.26 16.63
CA VAL A 95 -3.89 3.82 16.42
C VAL A 95 -5.17 3.19 15.87
N THR A 96 -5.05 2.46 14.76
CA THR A 96 -6.15 1.75 14.11
C THR A 96 -5.67 0.32 13.72
N PRO A 97 -6.54 -0.69 13.42
CA PRO A 97 -6.02 -2.02 13.03
C PRO A 97 -5.32 -2.06 11.66
N ASP A 98 -5.40 -0.96 10.89
CA ASP A 98 -4.80 -0.84 9.56
C ASP A 98 -3.70 0.22 9.56
N LYS A 99 -2.45 -0.19 9.21
CA LYS A 99 -1.28 0.69 9.17
C LYS A 99 -1.42 1.90 8.23
N CYS A 100 -2.10 1.71 7.09
CA CYS A 100 -2.34 2.76 6.11
C CYS A 100 -3.36 3.77 6.65
N GLU A 101 -4.38 3.27 7.37
CA GLU A 101 -5.41 4.10 8.00
C GLU A 101 -4.81 4.92 9.15
N THR A 102 -3.94 4.30 10.00
CA THR A 102 -3.28 5.00 11.11
C THR A 102 -2.42 6.14 10.57
N ALA A 103 -1.65 5.88 9.49
CA ALA A 103 -0.78 6.87 8.85
C ALA A 103 -1.60 8.00 8.23
N TYR A 104 -2.77 7.67 7.64
CA TYR A 104 -3.69 8.63 7.04
C TYR A 104 -4.28 9.56 8.10
N GLU A 105 -4.84 8.98 9.18
CA GLU A 105 -5.46 9.71 10.29
C GLU A 105 -4.47 10.59 11.05
N THR A 106 -3.19 10.15 11.16
CA THR A 106 -2.13 10.91 11.84
C THR A 106 -1.76 12.18 11.05
N VAL A 107 -1.61 12.05 9.71
CA VAL A 107 -1.29 13.16 8.80
C VAL A 107 -2.47 14.14 8.73
N LYS A 108 -3.70 13.61 8.79
CA LYS A 108 -4.93 14.39 8.81
C LYS A 108 -4.93 15.29 10.05
N CYS A 109 -4.46 14.73 11.19
CA CYS A 109 -4.31 15.44 12.46
C CYS A 109 -3.17 16.45 12.35
N TYR A 110 -2.05 16.10 11.66
CA TYR A 110 -0.89 16.99 11.46
C TYR A 110 -1.30 18.24 10.68
N PHE A 111 -2.07 18.04 9.60
CA PHE A 111 -2.58 19.09 8.71
C PHE A 111 -3.52 20.03 9.42
N ASN A 112 -4.30 19.53 10.38
CA ASN A 112 -5.20 20.40 11.10
C ASN A 112 -4.47 21.12 12.24
N ALA A 113 -3.59 20.40 12.95
CA ALA A 113 -2.84 20.90 14.11
C ALA A 113 -1.95 22.10 13.86
N HIS A 114 -0.76 21.88 13.29
CA HIS A 114 0.29 22.88 13.12
C HIS A 114 0.80 22.76 11.68
N ASP A 115 -0.04 23.18 10.73
CA ASP A 115 0.25 23.08 9.32
C ASP A 115 0.92 24.28 8.69
N GLU A 116 2.16 24.57 9.12
CA GLU A 116 2.89 25.64 8.46
C GLU A 116 2.93 25.39 6.91
N VAL A 117 2.99 24.13 6.35
CA VAL A 117 3.40 22.72 6.64
C VAL A 117 2.66 21.67 5.78
N ILE A 118 1.96 22.18 4.74
CA ILE A 118 1.45 21.35 3.66
C ILE A 118 2.70 21.39 2.72
N LYS A 119 3.73 22.13 3.18
CA LYS A 119 5.05 22.33 2.57
C LYS A 119 5.79 21.02 2.32
N PHE A 120 5.36 19.95 3.00
CA PHE A 120 5.89 18.60 2.83
C PHE A 120 5.21 17.95 1.63
N CYS A 121 3.93 18.32 1.37
CA CYS A 121 3.19 17.89 0.20
C CYS A 121 3.88 18.53 -1.02
N HIS A 122 4.38 19.77 -0.87
CA HIS A 122 5.12 20.48 -1.91
C HIS A 122 6.49 19.84 -2.09
N LEU A 123 7.16 19.50 -0.98
CA LEU A 123 8.48 18.87 -0.92
C LEU A 123 8.48 17.51 -1.64
N LEU A 124 7.50 16.65 -1.34
CA LEU A 124 7.41 15.31 -1.92
C LEU A 124 6.75 15.28 -3.30
N VAL A 125 5.64 16.01 -3.46
CA VAL A 125 4.81 16.02 -4.67
C VAL A 125 5.28 16.81 -5.90
N LEU A 126 5.81 18.06 -5.76
CA LEU A 126 6.14 18.77 -7.01
C LEU A 126 7.40 19.63 -7.22
N GLU A 127 8.52 19.39 -6.53
CA GLU A 127 9.65 20.28 -6.87
C GLU A 127 11.00 19.63 -7.25
N GLU B 5 -4.24 -29.63 -7.61
CA GLU B 5 -3.78 -28.78 -6.51
C GLU B 5 -2.58 -27.93 -6.94
N ILE B 6 -2.25 -26.85 -6.18
CA ILE B 6 -1.10 -26.03 -6.55
C ILE B 6 0.17 -26.84 -6.28
N PRO B 7 0.98 -27.11 -7.33
CA PRO B 7 2.20 -27.91 -7.12
C PRO B 7 3.01 -27.41 -5.92
N ASP B 8 3.55 -28.35 -5.13
CA ASP B 8 4.34 -28.05 -3.93
C ASP B 8 5.54 -27.15 -4.24
N ARG B 9 6.00 -27.17 -5.51
CA ARG B 9 7.11 -26.38 -6.05
C ARG B 9 7.01 -24.89 -5.66
N TYR B 10 5.79 -24.31 -5.79
CA TYR B 10 5.44 -22.91 -5.55
C TYR B 10 5.28 -22.47 -4.11
N LYS B 11 5.25 -23.40 -3.14
CA LYS B 11 5.04 -23.04 -1.73
C LYS B 11 6.00 -21.99 -1.19
N LYS B 12 7.32 -22.18 -1.41
CA LYS B 12 8.34 -21.23 -0.96
C LYS B 12 8.37 -19.87 -1.70
N PRO B 13 8.35 -19.77 -3.06
CA PRO B 13 8.30 -18.42 -3.68
C PRO B 13 7.05 -17.61 -3.28
N ALA B 14 5.90 -18.30 -3.07
CA ALA B 14 4.65 -17.66 -2.62
C ALA B 14 4.79 -17.13 -1.20
N LYS B 15 5.48 -17.88 -0.31
CA LYS B 15 5.76 -17.49 1.08
C LYS B 15 6.64 -16.23 1.06
N MET B 16 7.64 -16.20 0.15
CA MET B 16 8.56 -15.08 -0.05
C MET B 16 7.81 -13.87 -0.59
N LEU B 17 6.87 -14.08 -1.54
CA LEU B 17 6.01 -13.05 -2.14
C LEU B 17 5.14 -12.41 -1.07
N HIS B 18 4.54 -13.25 -0.21
CA HIS B 18 3.66 -12.90 0.91
C HIS B 18 4.37 -12.01 1.95
N GLU B 19 5.61 -12.38 2.34
CA GLU B 19 6.43 -11.64 3.30
C GLU B 19 6.90 -10.29 2.79
N ILE B 20 7.27 -10.20 1.49
CA ILE B 20 7.68 -8.95 0.83
C ILE B 20 6.47 -8.00 0.76
N CYS B 21 5.30 -8.54 0.36
CA CYS B 21 4.06 -7.78 0.24
C CYS B 21 3.40 -7.34 1.54
N ILE B 22 3.64 -8.07 2.65
CA ILE B 22 3.15 -7.67 3.97
C ILE B 22 3.97 -6.46 4.44
N ALA B 23 5.30 -6.51 4.23
CA ALA B 23 6.25 -5.45 4.59
C ALA B 23 6.01 -4.18 3.77
N GLU B 24 5.68 -4.31 2.48
CA GLU B 24 5.42 -3.19 1.57
C GLU B 24 4.09 -2.50 1.78
N SER B 25 3.00 -3.27 1.90
CA SER B 25 1.65 -2.73 2.09
C SER B 25 1.35 -2.30 3.52
N GLY B 26 1.89 -3.04 4.49
CA GLY B 26 1.65 -2.81 5.91
C GLY B 26 0.50 -3.62 6.43
N ALA B 27 0.01 -4.58 5.63
CA ALA B 27 -1.10 -5.46 5.98
C ALA B 27 -0.68 -6.51 6.99
N SER B 28 -1.54 -6.76 7.98
CA SER B 28 -1.30 -7.79 8.99
C SER B 28 -1.93 -9.10 8.50
N GLU B 29 -1.41 -10.24 8.99
CA GLU B 29 -1.91 -11.59 8.66
C GLU B 29 -3.38 -11.72 9.08
N GLU B 30 -3.72 -11.10 10.23
CA GLU B 30 -5.05 -11.03 10.84
C GLU B 30 -6.07 -10.45 9.84
N GLN B 31 -5.66 -9.41 9.09
CA GLN B 31 -6.48 -8.73 8.08
C GLN B 31 -6.71 -9.61 6.85
N LEU B 32 -5.65 -10.30 6.37
CA LEU B 32 -5.69 -11.14 5.18
C LEU B 32 -6.47 -12.44 5.36
N ARG B 33 -6.45 -13.03 6.57
CA ARG B 33 -7.12 -14.30 6.91
C ARG B 33 -8.62 -14.40 6.57
N THR B 34 -9.30 -13.27 6.29
CA THR B 34 -10.73 -13.24 5.93
C THR B 34 -11.03 -14.01 4.63
N CYS B 35 -10.00 -14.18 3.76
CA CYS B 35 -10.11 -14.93 2.49
C CYS B 35 -10.32 -16.44 2.69
N LEU B 36 -10.01 -16.96 3.90
CA LEU B 36 -10.19 -18.37 4.28
C LEU B 36 -11.69 -18.71 4.34
N ASP B 37 -12.55 -17.69 4.54
CA ASP B 37 -14.01 -17.78 4.57
C ASP B 37 -14.59 -17.47 3.17
N GLY B 38 -13.71 -17.26 2.19
CA GLY B 38 -14.07 -16.97 0.81
C GLY B 38 -14.40 -15.52 0.52
N THR B 39 -14.07 -14.61 1.46
CA THR B 39 -14.34 -13.18 1.33
C THR B 39 -13.05 -12.39 1.18
N VAL B 40 -12.93 -11.59 0.11
CA VAL B 40 -11.75 -10.77 -0.18
C VAL B 40 -11.61 -9.66 0.90
N PRO B 41 -10.43 -9.55 1.57
CA PRO B 41 -10.27 -8.52 2.62
C PRO B 41 -10.47 -7.08 2.10
N THR B 42 -11.22 -6.28 2.86
CA THR B 42 -11.61 -4.90 2.51
C THR B 42 -10.74 -3.79 3.11
N ALA B 43 -9.83 -4.13 4.03
CA ALA B 43 -8.94 -3.16 4.67
C ALA B 43 -7.98 -2.50 3.64
N PRO B 44 -7.72 -1.17 3.73
CA PRO B 44 -6.84 -0.52 2.72
C PRO B 44 -5.46 -1.15 2.52
N ALA B 45 -4.82 -1.60 3.62
CA ALA B 45 -3.51 -2.26 3.57
C ALA B 45 -3.63 -3.64 2.92
N ALA B 46 -4.76 -4.34 3.15
CA ALA B 46 -5.06 -5.66 2.59
C ALA B 46 -5.30 -5.55 1.08
N LYS B 47 -5.92 -4.44 0.63
CA LYS B 47 -6.19 -4.15 -0.78
C LYS B 47 -4.87 -3.87 -1.50
N CYS B 48 -3.94 -3.16 -0.83
CA CYS B 48 -2.63 -2.83 -1.36
C CYS B 48 -1.67 -4.01 -1.36
N TYR B 49 -1.93 -5.00 -0.47
CA TYR B 49 -1.18 -6.26 -0.40
C TYR B 49 -1.46 -7.05 -1.68
N ILE B 50 -2.75 -7.08 -2.10
CA ILE B 50 -3.23 -7.76 -3.32
C ILE B 50 -2.55 -7.15 -4.55
N HIS B 51 -2.47 -5.80 -4.62
CA HIS B 51 -1.81 -5.06 -5.71
C HIS B 51 -0.33 -5.44 -5.79
N CYS B 52 0.34 -5.51 -4.62
CA CYS B 52 1.75 -5.87 -4.50
C CYS B 52 2.02 -7.26 -5.09
N LEU B 53 1.17 -8.26 -4.77
CA LEU B 53 1.29 -9.64 -5.27
C LEU B 53 1.34 -9.67 -6.79
N PHE B 54 0.38 -8.98 -7.44
CA PHE B 54 0.27 -8.87 -8.90
C PHE B 54 1.42 -8.07 -9.50
N ASP B 55 1.90 -7.03 -8.77
CA ASP B 55 3.02 -6.18 -9.18
C ASP B 55 4.32 -6.99 -9.18
N LYS B 56 4.54 -7.84 -8.15
CA LYS B 56 5.73 -8.67 -8.02
C LYS B 56 5.83 -9.76 -9.08
N ILE B 57 4.66 -10.27 -9.56
CA ILE B 57 4.60 -11.28 -10.61
C ILE B 57 4.48 -10.65 -12.01
N ASP B 58 4.56 -9.30 -12.07
CA ASP B 58 4.54 -8.45 -13.27
C ASP B 58 3.29 -8.59 -14.16
N VAL B 59 2.11 -8.68 -13.53
CA VAL B 59 0.83 -8.79 -14.27
C VAL B 59 -0.03 -7.52 -14.19
N VAL B 60 0.54 -6.44 -13.61
CA VAL B 60 -0.13 -5.16 -13.48
C VAL B 60 0.24 -4.27 -14.65
N ASP B 61 -0.77 -3.60 -15.24
CA ASP B 61 -0.55 -2.62 -16.29
C ASP B 61 -0.14 -1.32 -15.56
N GLU B 62 1.08 -0.87 -15.85
CA GLU B 62 1.77 0.30 -15.29
C GLU B 62 0.97 1.59 -15.15
N ALA B 63 0.31 2.03 -16.24
CA ALA B 63 -0.46 3.29 -16.26
C ALA B 63 -1.87 3.18 -15.69
N THR B 64 -2.56 2.06 -15.95
CA THR B 64 -3.95 1.83 -15.52
C THR B 64 -4.16 1.05 -14.22
N GLY B 65 -3.24 0.14 -13.89
CA GLY B 65 -3.33 -0.70 -12.71
C GLY B 65 -4.10 -1.99 -12.97
N ARG B 66 -4.54 -2.17 -14.24
CA ARG B 66 -5.31 -3.32 -14.70
C ARG B 66 -4.54 -4.63 -14.61
N ILE B 67 -5.22 -5.68 -14.15
CA ILE B 67 -4.62 -7.01 -14.00
C ILE B 67 -4.68 -7.76 -15.33
N LEU B 68 -3.52 -8.20 -15.82
CA LEU B 68 -3.39 -8.92 -17.07
C LEU B 68 -2.91 -10.33 -16.77
N LEU B 69 -3.86 -11.23 -16.41
CA LEU B 69 -3.56 -12.64 -16.11
C LEU B 69 -2.98 -13.35 -17.33
N ASP B 70 -3.37 -12.89 -18.52
CA ASP B 70 -2.96 -13.39 -19.84
C ASP B 70 -1.44 -13.34 -20.01
N ARG B 71 -0.75 -12.47 -19.24
CA ARG B 71 0.70 -12.30 -19.22
C ARG B 71 1.42 -13.43 -18.45
N LEU B 72 0.65 -14.22 -17.67
CA LEU B 72 1.12 -15.31 -16.83
C LEU B 72 1.01 -16.71 -17.46
N LEU B 73 0.26 -16.83 -18.57
CA LEU B 73 -0.04 -18.07 -19.29
C LEU B 73 1.08 -19.03 -19.67
N TYR B 74 2.11 -18.56 -20.40
CA TYR B 74 3.26 -19.37 -20.84
C TYR B 74 3.92 -20.19 -19.70
N ILE B 75 3.59 -19.84 -18.44
CA ILE B 75 4.08 -20.50 -17.24
C ILE B 75 3.18 -21.62 -16.74
N ILE B 76 1.87 -21.37 -16.72
CA ILE B 76 0.96 -22.33 -16.13
C ILE B 76 0.62 -23.58 -16.97
N PRO B 77 0.39 -24.74 -16.30
CA PRO B 77 0.10 -25.98 -17.02
C PRO B 77 -1.13 -25.97 -17.91
N ASP B 78 -1.09 -26.83 -18.96
CA ASP B 78 -2.12 -27.05 -19.98
C ASP B 78 -3.52 -27.40 -19.43
N ASP B 79 -3.60 -27.72 -18.13
CA ASP B 79 -4.84 -28.05 -17.44
C ASP B 79 -5.45 -26.79 -16.83
N VAL B 80 -4.60 -25.95 -16.22
CA VAL B 80 -5.06 -24.71 -15.58
C VAL B 80 -5.08 -23.55 -16.62
N LYS B 81 -4.41 -23.72 -17.79
CA LYS B 81 -4.30 -22.73 -18.89
C LYS B 81 -5.61 -22.05 -19.29
N ALA B 82 -6.64 -22.86 -19.62
CA ALA B 82 -7.95 -22.36 -20.07
C ALA B 82 -8.89 -21.87 -18.95
N ALA B 83 -8.74 -22.41 -17.71
CA ALA B 83 -9.53 -21.99 -16.55
C ALA B 83 -9.11 -20.56 -16.18
N VAL B 84 -7.78 -20.29 -16.24
CA VAL B 84 -7.15 -18.99 -16.02
C VAL B 84 -7.62 -18.07 -17.15
N ASP B 85 -7.68 -18.59 -18.40
CA ASP B 85 -8.15 -17.86 -19.59
C ASP B 85 -9.61 -17.41 -19.45
N HIS B 86 -10.45 -18.22 -18.76
CA HIS B 86 -11.85 -17.88 -18.49
C HIS B 86 -11.93 -16.80 -17.41
N LEU B 87 -11.01 -16.83 -16.41
CA LEU B 87 -10.93 -15.84 -15.33
C LEU B 87 -10.72 -14.42 -15.87
N THR B 88 -10.15 -14.32 -17.09
CA THR B 88 -9.90 -13.05 -17.79
C THR B 88 -11.05 -12.63 -18.71
N ARG B 89 -12.01 -13.53 -19.02
CA ARG B 89 -13.15 -13.16 -19.87
C ARG B 89 -14.20 -12.40 -19.03
N GLU B 90 -14.43 -12.87 -17.80
CA GLU B 90 -15.41 -12.30 -16.87
C GLU B 90 -14.90 -11.19 -15.95
N CYS B 91 -13.57 -10.94 -15.88
CA CYS B 91 -13.00 -9.96 -14.92
C CYS B 91 -12.03 -8.87 -15.42
N SER B 92 -11.67 -8.85 -16.72
CA SER B 92 -10.67 -7.89 -17.19
C SER B 92 -11.10 -6.48 -17.63
N HIS B 93 -12.37 -6.15 -17.41
CA HIS B 93 -12.94 -4.83 -17.71
C HIS B 93 -12.73 -3.91 -16.51
N ILE B 94 -12.35 -4.51 -15.36
CA ILE B 94 -12.12 -3.83 -14.08
C ILE B 94 -10.90 -2.91 -14.09
N VAL B 95 -11.16 -1.63 -13.93
CA VAL B 95 -10.20 -0.53 -13.84
C VAL B 95 -10.80 0.60 -13.00
N THR B 96 -10.01 1.11 -12.06
CA THR B 96 -10.40 2.20 -11.16
C THR B 96 -9.23 3.21 -11.01
N PRO B 97 -9.42 4.45 -10.49
CA PRO B 97 -8.27 5.37 -10.37
C PRO B 97 -7.23 4.97 -9.32
N ASP B 98 -7.54 3.94 -8.49
CA ASP B 98 -6.67 3.45 -7.43
C ASP B 98 -6.22 2.01 -7.71
N LYS B 99 -4.89 1.79 -7.81
CA LYS B 99 -4.28 0.47 -8.07
C LYS B 99 -4.66 -0.62 -7.07
N CYS B 100 -4.79 -0.26 -5.78
CA CYS B 100 -5.17 -1.18 -4.71
C CYS B 100 -6.65 -1.56 -4.85
N GLU B 101 -7.50 -0.59 -5.24
CA GLU B 101 -8.93 -0.81 -5.47
C GLU B 101 -9.15 -1.70 -6.69
N THR B 102 -8.41 -1.45 -7.80
CA THR B 102 -8.52 -2.28 -9.01
C THR B 102 -8.13 -3.72 -8.71
N ALA B 103 -7.03 -3.94 -7.96
CA ALA B 103 -6.56 -5.26 -7.55
C ALA B 103 -7.57 -5.96 -6.66
N TYR B 104 -8.22 -5.21 -5.74
CA TYR B 104 -9.24 -5.70 -4.83
C TYR B 104 -10.48 -6.17 -5.61
N GLU B 105 -11.02 -5.29 -6.48
CA GLU B 105 -12.22 -5.55 -7.30
C GLU B 105 -12.02 -6.71 -8.28
N THR B 106 -10.78 -6.88 -8.81
CA THR B 106 -10.44 -7.95 -9.76
C THR B 106 -10.46 -9.31 -9.05
N VAL B 107 -9.87 -9.40 -7.85
CA VAL B 107 -9.81 -10.62 -7.03
C VAL B 107 -11.20 -10.98 -6.52
N LYS B 108 -12.03 -9.96 -6.22
CA LYS B 108 -13.42 -10.10 -5.81
C LYS B 108 -14.20 -10.78 -6.92
N CYS B 109 -13.91 -10.40 -8.18
CA CYS B 109 -14.50 -10.98 -9.39
C CYS B 109 -13.96 -12.40 -9.59
N TYR B 110 -12.64 -12.64 -9.32
CA TYR B 110 -12.00 -13.96 -9.44
C TYR B 110 -12.64 -14.95 -8.49
N PHE B 111 -12.85 -14.52 -7.22
CA PHE B 111 -13.45 -15.29 -6.13
C PHE B 111 -14.87 -15.73 -6.44
N ASN B 112 -15.66 -14.86 -7.09
CA ASN B 112 -17.02 -15.17 -7.46
C ASN B 112 -17.12 -15.99 -8.75
N ALA B 113 -16.26 -15.70 -9.75
CA ALA B 113 -16.21 -16.39 -11.03
C ALA B 113 -15.84 -17.88 -10.84
N HIS B 114 -14.79 -18.12 -10.02
CA HIS B 114 -14.22 -19.44 -9.73
C HIS B 114 -13.86 -19.58 -8.25
N ASP B 115 -14.80 -20.13 -7.45
CA ASP B 115 -14.70 -20.37 -6.00
C ASP B 115 -13.41 -21.09 -5.57
N GLU B 116 -12.79 -21.82 -6.50
CA GLU B 116 -11.57 -22.58 -6.28
C GLU B 116 -10.34 -21.72 -6.03
N VAL B 117 -10.37 -20.41 -6.35
CA VAL B 117 -9.21 -19.53 -6.12
C VAL B 117 -8.83 -19.33 -4.63
N ILE B 118 -9.63 -19.91 -3.69
CA ILE B 118 -9.39 -19.87 -2.24
C ILE B 118 -8.06 -20.57 -1.89
N LYS B 119 -7.65 -21.56 -2.71
CA LYS B 119 -6.38 -22.29 -2.51
C LYS B 119 -5.16 -21.39 -2.65
N PHE B 120 -5.28 -20.23 -3.34
CA PHE B 120 -4.19 -19.27 -3.46
C PHE B 120 -4.11 -18.46 -2.16
N CYS B 121 -5.26 -18.27 -1.47
CA CYS B 121 -5.33 -17.63 -0.16
C CYS B 121 -4.69 -18.61 0.83
N HIS B 122 -4.96 -19.93 0.68
CA HIS B 122 -4.37 -20.99 1.49
C HIS B 122 -2.85 -21.04 1.28
N LEU B 123 -2.42 -21.06 -0.01
CA LEU B 123 -1.02 -21.07 -0.42
C LEU B 123 -0.25 -19.90 0.20
N LEU B 124 -0.85 -18.72 0.29
CA LEU B 124 -0.16 -17.56 0.85
C LEU B 124 -0.32 -17.36 2.34
N VAL B 125 -1.54 -17.55 2.85
CA VAL B 125 -1.89 -17.23 4.23
C VAL B 125 -1.55 -18.22 5.34
N LEU B 126 -1.97 -19.49 5.22
CA LEU B 126 -1.86 -20.43 6.33
C LEU B 126 -0.75 -21.46 6.49
N GLU B 127 -0.30 -22.11 5.38
CA GLU B 127 0.68 -23.20 5.44
C GLU B 127 1.79 -23.03 6.50
#